data_1L2T
#
_entry.id   1L2T
#
_cell.length_a   80.887
_cell.length_b   106.311
_cell.length_c   116.941
_cell.angle_alpha   90.00
_cell.angle_beta   90.00
_cell.angle_gamma   90.00
#
_symmetry.space_group_name_H-M   'C 2 2 21'
#
loop_
_entity.id
_entity.type
_entity.pdbx_description
1 polymer 'Hypothetical ABC transporter ATP-binding protein MJ0796'
2 non-polymer 'SODIUM ION'
3 non-polymer "ADENOSINE-5'-TRIPHOSPHATE"
4 non-polymer 'ISOPROPYL ALCOHOL'
5 water water
#
_entity_poly.entity_id   1
_entity_poly.type   'polypeptide(L)'
_entity_poly.pdbx_seq_one_letter_code
;MIKLKNVTKTYKMGEEIIYALKNVNLNIKEGEFVSIMGPSGSGKSTMLNIIGCLDKPTEGEVYIDNIKTNDLDDDELTKI
RRDKIGFVFQQFNLIPLLTALENVELPLIFKYRGAMSGEERRKRALECLKMAELEERFANHKPNQLSGGQQQRVAIARAL
ANNPPIILADQPTGALDSKTGEKIMQLLKKLNEEDGKTVVVVTHDINVARFGERIIYLKDGEVEREEKLRGFDDR
;
_entity_poly.pdbx_strand_id   A,B
#
loop_
_chem_comp.id
_chem_comp.type
_chem_comp.name
_chem_comp.formula
ATP non-polymer ADENOSINE-5'-TRIPHOSPHATE 'C10 H16 N5 O13 P3'
IPA non-polymer 'ISOPROPYL ALCOHOL' 'C3 H8 O'
NA non-polymer 'SODIUM ION' 'Na 1'
#
# COMPACT_ATOMS: atom_id res chain seq x y z
N MET A 1 24.67 -4.85 -15.14
CA MET A 1 23.44 -4.20 -15.70
C MET A 1 23.05 -2.96 -14.88
N ILE A 2 23.20 -3.03 -13.57
CA ILE A 2 22.88 -1.90 -12.72
C ILE A 2 24.06 -1.72 -11.78
N LYS A 3 24.57 -0.51 -11.65
CA LYS A 3 25.68 -0.27 -10.72
C LYS A 3 25.51 1.04 -10.00
N LEU A 4 25.56 0.99 -8.68
CA LEU A 4 25.49 2.19 -7.84
C LEU A 4 26.91 2.29 -7.29
N LYS A 5 27.58 3.42 -7.53
CA LYS A 5 28.95 3.61 -7.06
C LYS A 5 29.03 4.74 -6.04
N ASN A 6 29.22 4.34 -4.77
CA ASN A 6 29.34 5.25 -3.65
C ASN A 6 28.19 6.29 -3.65
N VAL A 7 26.97 5.79 -3.73
CA VAL A 7 25.79 6.63 -3.78
C VAL A 7 25.27 7.17 -2.43
N THR A 8 25.09 8.48 -2.35
CA THR A 8 24.56 9.11 -1.16
C THR A 8 23.38 9.96 -1.62
N LYS A 9 22.30 9.94 -0.83
CA LYS A 9 21.14 10.75 -1.15
C LYS A 9 20.80 11.46 0.15
N THR A 10 20.96 12.78 0.17
CA THR A 10 20.68 13.55 1.37
C THR A 10 19.55 14.55 1.17
N TYR A 11 18.89 14.88 2.29
CA TYR A 11 17.81 15.85 2.28
C TYR A 11 18.14 16.85 3.35
N LYS A 12 17.81 18.11 3.11
CA LYS A 12 18.06 19.15 4.08
C LYS A 12 16.73 19.52 4.74
N MET A 13 16.59 19.14 6.00
CA MET A 13 15.38 19.44 6.76
C MET A 13 15.70 20.54 7.76
N GLY A 14 15.42 21.78 7.38
CA GLY A 14 15.71 22.89 8.25
C GLY A 14 17.21 23.14 8.17
N GLU A 15 17.91 22.91 9.27
CA GLU A 15 19.35 23.09 9.34
C GLU A 15 20.00 21.72 9.48
N GLU A 16 19.13 20.71 9.59
CA GLU A 16 19.51 19.30 9.75
C GLU A 16 19.77 18.58 8.40
N ILE A 17 20.71 17.64 8.41
CA ILE A 17 21.00 16.87 7.23
C ILE A 17 20.49 15.44 7.43
N ILE A 18 19.81 14.91 6.42
CA ILE A 18 19.25 13.56 6.46
C ILE A 18 19.83 12.71 5.31
N TYR A 19 20.45 11.58 5.66
CA TYR A 19 21.03 10.67 4.66
C TYR A 19 20.06 9.54 4.36
N ALA A 20 19.29 9.65 3.28
CA ALA A 20 18.32 8.61 2.87
C ALA A 20 19.14 7.36 2.48
N LEU A 21 20.29 7.61 1.86
CA LEU A 21 21.25 6.59 1.46
C LEU A 21 22.62 7.21 1.73
N LYS A 22 23.53 6.42 2.27
CA LYS A 22 24.85 6.92 2.58
C LYS A 22 25.93 5.97 2.06
N ASN A 23 26.66 6.43 1.03
CA ASN A 23 27.75 5.68 0.42
C ASN A 23 27.44 4.22 0.07
N VAL A 24 26.32 3.99 -0.59
CA VAL A 24 25.96 2.64 -0.93
C VAL A 24 26.62 2.23 -2.23
N ASN A 25 27.01 0.95 -2.29
CA ASN A 25 27.66 0.36 -3.45
C ASN A 25 26.83 -0.85 -3.84
N LEU A 26 26.55 -1.00 -5.13
CA LEU A 26 25.71 -2.10 -5.56
C LEU A 26 26.03 -2.45 -6.99
N ASN A 27 26.05 -3.75 -7.27
CA ASN A 27 26.33 -4.26 -8.59
C ASN A 27 25.37 -5.40 -8.94
N ILE A 28 24.44 -5.14 -9.84
CA ILE A 28 23.48 -6.16 -10.24
C ILE A 28 23.77 -6.58 -11.69
N LYS A 29 24.03 -7.86 -11.87
CA LYS A 29 24.35 -8.40 -13.19
C LYS A 29 23.12 -8.59 -14.06
N GLU A 30 23.34 -8.64 -15.36
CA GLU A 30 22.23 -8.82 -16.29
C GLU A 30 21.60 -10.19 -16.07
N GLY A 31 20.28 -10.21 -15.95
CA GLY A 31 19.55 -11.46 -15.75
C GLY A 31 19.48 -11.91 -14.32
N GLU A 32 19.97 -11.08 -13.40
CA GLU A 32 19.95 -11.41 -11.99
C GLU A 32 18.58 -11.06 -11.39
N PHE A 33 18.17 -11.82 -10.37
CA PHE A 33 16.91 -11.59 -9.67
C PHE A 33 17.37 -11.22 -8.26
N VAL A 34 17.22 -9.96 -7.87
CA VAL A 34 17.68 -9.49 -6.55
C VAL A 34 16.52 -8.91 -5.73
N SER A 35 16.50 -9.24 -4.44
CA SER A 35 15.47 -8.75 -3.52
C SER A 35 16.10 -7.75 -2.55
N ILE A 36 15.35 -6.73 -2.15
CA ILE A 36 15.86 -5.74 -1.22
C ILE A 36 14.90 -5.64 -0.07
N MET A 37 15.42 -5.81 1.14
CA MET A 37 14.64 -5.76 2.35
C MET A 37 15.31 -4.80 3.33
N GLY A 38 14.60 -4.42 4.38
CA GLY A 38 15.15 -3.54 5.38
C GLY A 38 14.03 -2.85 6.11
N PRO A 39 14.29 -2.33 7.33
CA PRO A 39 13.28 -1.64 8.13
C PRO A 39 12.60 -0.48 7.41
N SER A 40 11.39 -0.17 7.83
CA SER A 40 10.67 0.95 7.26
C SER A 40 11.60 2.15 7.43
N GLY A 41 11.81 2.89 6.36
CA GLY A 41 12.67 4.06 6.41
C GLY A 41 14.15 3.81 6.16
N SER A 42 14.57 2.56 5.96
CA SER A 42 15.99 2.22 5.72
C SER A 42 16.60 2.70 4.42
N GLY A 43 15.78 3.14 3.47
CA GLY A 43 16.27 3.64 2.20
C GLY A 43 15.97 2.82 0.97
N LYS A 44 15.10 1.82 1.08
CA LYS A 44 14.78 0.94 -0.06
C LYS A 44 14.22 1.63 -1.31
N SER A 45 13.19 2.46 -1.14
CA SER A 45 12.60 3.17 -2.28
C SER A 45 13.53 4.21 -2.86
N THR A 46 14.30 4.89 -2.01
CA THR A 46 15.24 5.88 -2.51
C THR A 46 16.19 5.15 -3.46
N MET A 47 16.66 3.98 -3.03
CA MET A 47 17.57 3.18 -3.83
C MET A 47 16.91 2.78 -5.16
N LEU A 48 15.71 2.23 -5.07
CA LEU A 48 15.01 1.79 -6.27
C LEU A 48 14.73 2.97 -7.20
N ASN A 49 14.43 4.14 -6.64
CA ASN A 49 14.14 5.33 -7.45
C ASN A 49 15.38 5.78 -8.19
N ILE A 50 16.52 5.71 -7.50
CA ILE A 50 17.79 6.10 -8.09
C ILE A 50 18.13 5.11 -9.21
N ILE A 51 17.99 3.82 -8.93
CA ILE A 51 18.25 2.81 -9.97
C ILE A 51 17.30 3.05 -11.15
N GLY A 52 16.05 3.41 -10.85
CA GLY A 52 15.05 3.63 -11.89
C GLY A 52 15.11 4.96 -12.60
N CYS A 53 16.10 5.79 -12.29
CA CYS A 53 16.27 7.09 -12.91
C CYS A 53 15.11 8.04 -12.68
N LEU A 54 14.45 7.88 -11.53
CA LEU A 54 13.33 8.72 -11.16
C LEU A 54 13.85 9.76 -10.18
N ASP A 55 15.08 9.57 -9.72
CA ASP A 55 15.67 10.48 -8.76
C ASP A 55 17.17 10.39 -8.97
N LYS A 56 17.89 11.47 -8.70
CA LYS A 56 19.33 11.50 -8.86
C LYS A 56 20.01 11.46 -7.49
N PRO A 57 21.20 10.82 -7.42
CA PRO A 57 21.91 10.76 -6.14
C PRO A 57 22.49 12.15 -5.83
N THR A 58 22.74 12.42 -4.55
CA THR A 58 23.34 13.68 -4.16
C THR A 58 24.84 13.58 -4.49
N GLU A 59 25.37 12.37 -4.39
CA GLU A 59 26.77 12.10 -4.66
C GLU A 59 26.85 10.65 -5.11
N GLY A 60 27.91 10.31 -5.83
CA GLY A 60 28.06 8.96 -6.31
C GLY A 60 27.63 8.84 -7.75
N GLU A 61 27.75 7.66 -8.34
CA GLU A 61 27.38 7.48 -9.73
C GLU A 61 26.45 6.29 -9.96
N VAL A 62 25.71 6.38 -11.07
CA VAL A 62 24.74 5.35 -11.44
C VAL A 62 24.96 4.94 -12.89
N TYR A 63 24.95 3.63 -13.14
CA TYR A 63 25.14 3.08 -14.48
C TYR A 63 24.02 2.07 -14.74
N ILE A 64 23.33 2.24 -15.85
CA ILE A 64 22.24 1.34 -16.24
C ILE A 64 22.59 0.82 -17.61
N ASP A 65 22.55 -0.50 -17.76
CA ASP A 65 22.88 -1.14 -19.01
C ASP A 65 24.19 -0.55 -19.56
N ASN A 66 25.16 -0.36 -18.67
CA ASN A 66 26.49 0.17 -19.00
C ASN A 66 26.51 1.66 -19.35
N ILE A 67 25.41 2.35 -19.14
CA ILE A 67 25.31 3.77 -19.45
C ILE A 67 25.31 4.56 -18.14
N LYS A 68 26.18 5.58 -18.03
CA LYS A 68 26.23 6.42 -16.84
C LYS A 68 25.07 7.43 -16.95
N THR A 69 24.13 7.38 -16.01
CA THR A 69 22.98 8.28 -16.05
C THR A 69 23.14 9.63 -15.35
N ASN A 70 24.12 9.73 -14.46
CA ASN A 70 24.39 10.95 -13.69
C ASN A 70 24.15 12.30 -14.33
N ASP A 71 24.81 12.56 -15.46
CA ASP A 71 24.72 13.86 -16.12
C ASP A 71 23.85 13.93 -17.36
N LEU A 72 22.90 13.00 -17.49
CA LEU A 72 22.01 13.01 -18.64
C LEU A 72 20.90 14.03 -18.44
N ASP A 73 20.54 14.71 -19.52
CA ASP A 73 19.48 15.70 -19.46
C ASP A 73 18.14 14.97 -19.32
N ASP A 74 17.11 15.71 -18.95
CA ASP A 74 15.79 15.14 -18.76
C ASP A 74 15.21 14.32 -19.91
N ASP A 75 15.52 14.68 -21.15
CA ASP A 75 14.99 13.92 -22.28
C ASP A 75 15.78 12.61 -22.46
N GLU A 76 17.05 12.65 -22.13
CA GLU A 76 17.92 11.48 -22.23
C GLU A 76 17.49 10.46 -21.15
N LEU A 77 17.23 10.95 -19.95
CA LEU A 77 16.78 10.14 -18.82
C LEU A 77 15.41 9.53 -19.12
N THR A 78 14.50 10.32 -19.67
CA THR A 78 13.18 9.83 -20.01
C THR A 78 13.29 8.69 -21.03
N LYS A 79 14.22 8.87 -21.98
CA LYS A 79 14.47 7.87 -23.01
C LYS A 79 15.00 6.55 -22.41
N ILE A 80 15.92 6.65 -21.46
CA ILE A 80 16.47 5.46 -20.84
C ILE A 80 15.39 4.71 -20.06
N ARG A 81 14.66 5.44 -19.21
CA ARG A 81 13.59 4.83 -18.42
C ARG A 81 12.61 4.10 -19.31
N ARG A 82 12.14 4.76 -20.37
CA ARG A 82 11.18 4.18 -21.30
C ARG A 82 11.64 2.91 -22.01
N ASP A 83 12.90 2.82 -22.41
CA ASP A 83 13.39 1.62 -23.10
C ASP A 83 13.89 0.51 -22.17
N LYS A 84 14.61 0.92 -21.13
CA LYS A 84 15.25 0.02 -20.19
C LYS A 84 14.49 -0.48 -18.98
N ILE A 85 13.61 0.34 -18.40
CA ILE A 85 12.97 -0.01 -17.14
C ILE A 85 11.46 -0.07 -17.07
N GLY A 86 10.96 -1.09 -16.38
CA GLY A 86 9.54 -1.29 -16.13
C GLY A 86 9.44 -1.08 -14.62
N PHE A 87 8.80 -0.01 -14.17
CA PHE A 87 8.72 0.33 -12.75
C PHE A 87 7.34 0.13 -12.11
N VAL A 88 7.30 -0.64 -11.03
CA VAL A 88 6.06 -0.91 -10.29
C VAL A 88 6.16 -0.06 -9.03
N PHE A 89 5.36 0.98 -8.99
CA PHE A 89 5.36 1.88 -7.84
C PHE A 89 4.61 1.29 -6.65
N GLN A 90 5.04 1.68 -5.45
CA GLN A 90 4.36 1.21 -4.24
C GLN A 90 2.99 1.88 -4.12
N GLN A 91 2.92 3.16 -4.49
CA GLN A 91 1.69 3.95 -4.45
C GLN A 91 0.87 3.78 -5.78
N PHE A 92 1.31 2.89 -6.66
CA PHE A 92 0.66 2.62 -7.96
C PHE A 92 0.79 3.77 -8.96
N ASN A 93 0.31 4.96 -8.61
CA ASN A 93 0.39 6.13 -9.50
C ASN A 93 -0.30 5.93 -10.85
N LEU A 94 -1.57 5.56 -10.80
CA LEU A 94 -2.35 5.34 -12.00
C LEU A 94 -3.00 6.67 -12.35
N ILE A 95 -3.25 6.92 -13.64
CA ILE A 95 -3.90 8.16 -14.11
C ILE A 95 -5.39 7.94 -13.85
N PRO A 96 -6.00 8.78 -12.99
CA PRO A 96 -7.42 8.72 -12.61
C PRO A 96 -8.48 8.67 -13.71
N LEU A 97 -8.27 9.46 -14.76
CA LEU A 97 -9.25 9.49 -15.83
C LEU A 97 -9.10 8.46 -16.96
N LEU A 98 -8.04 7.65 -16.89
CA LEU A 98 -7.79 6.61 -17.88
C LEU A 98 -8.23 5.29 -17.29
N THR A 99 -8.76 4.39 -18.10
CA THR A 99 -9.18 3.08 -17.60
C THR A 99 -7.93 2.24 -17.29
N ALA A 100 -8.13 1.08 -16.67
CA ALA A 100 -7.04 0.18 -16.37
C ALA A 100 -6.27 -0.12 -17.68
N LEU A 101 -7.00 -0.49 -18.73
CA LEU A 101 -6.40 -0.79 -20.03
C LEU A 101 -5.63 0.42 -20.59
N GLU A 102 -6.25 1.59 -20.59
CA GLU A 102 -5.58 2.79 -21.09
C GLU A 102 -4.31 3.13 -20.31
N ASN A 103 -4.35 2.88 -18.99
CA ASN A 103 -3.20 3.13 -18.13
C ASN A 103 -2.02 2.24 -18.54
N VAL A 104 -2.32 1.01 -18.97
CA VAL A 104 -1.30 0.07 -19.42
C VAL A 104 -0.80 0.43 -20.83
N GLU A 105 -1.72 0.91 -21.67
CA GLU A 105 -1.35 1.30 -23.02
C GLU A 105 -0.45 2.54 -23.11
N LEU A 106 -0.64 3.49 -22.18
CA LEU A 106 0.11 4.74 -22.17
C LEU A 106 1.60 4.58 -22.47
N PRO A 107 2.28 3.67 -21.77
CA PRO A 107 3.70 3.51 -22.06
C PRO A 107 3.98 3.11 -23.55
N LEU A 108 3.08 2.31 -24.14
CA LEU A 108 3.24 1.83 -25.52
C LEU A 108 3.19 2.99 -26.54
N ILE A 109 2.32 3.96 -26.25
CA ILE A 109 2.15 5.14 -27.09
C ILE A 109 3.44 5.96 -27.14
N PHE A 110 4.21 5.93 -26.05
CA PHE A 110 5.45 6.69 -25.98
C PHE A 110 6.71 5.84 -25.91
N LYS A 111 6.69 4.69 -26.57
CA LYS A 111 7.82 3.75 -26.63
C LYS A 111 8.49 4.12 -27.94
N TYR A 112 9.64 4.80 -27.91
CA TYR A 112 10.25 5.18 -29.18
C TYR A 112 11.03 4.15 -30.00
N ARG A 113 10.52 2.92 -30.08
CA ARG A 113 11.16 1.91 -30.90
C ARG A 113 10.64 2.24 -32.31
N GLY A 114 9.51 1.64 -32.70
CA GLY A 114 8.95 1.89 -34.02
C GLY A 114 7.64 2.64 -33.91
N ALA A 115 6.53 1.93 -34.06
CA ALA A 115 5.20 2.50 -33.96
C ALA A 115 4.20 1.34 -33.99
N MET A 116 3.41 1.20 -32.94
CA MET A 116 2.41 0.14 -32.89
C MET A 116 1.08 0.66 -33.40
N SER A 117 0.33 -0.17 -34.09
CA SER A 117 -0.98 0.24 -34.58
C SER A 117 -1.88 0.22 -33.35
N GLY A 118 -3.09 0.77 -33.48
CA GLY A 118 -4.00 0.77 -32.35
C GLY A 118 -4.35 -0.64 -31.88
N GLU A 119 -4.54 -1.56 -32.82
CA GLU A 119 -4.87 -2.95 -32.51
C GLU A 119 -3.75 -3.66 -31.75
N GLU A 120 -2.52 -3.48 -32.24
CA GLU A 120 -1.35 -4.09 -31.62
C GLU A 120 -1.15 -3.58 -30.20
N ARG A 121 -1.39 -2.30 -30.00
CA ARG A 121 -1.22 -1.69 -28.69
C ARG A 121 -2.20 -2.30 -27.69
N ARG A 122 -3.47 -2.34 -28.07
CA ARG A 122 -4.52 -2.91 -27.25
C ARG A 122 -4.20 -4.38 -26.89
N LYS A 123 -3.85 -5.16 -27.90
CA LYS A 123 -3.51 -6.55 -27.72
C LYS A 123 -2.33 -6.72 -26.74
N ARG A 124 -1.28 -5.92 -26.90
CA ARG A 124 -0.14 -6.01 -25.98
C ARG A 124 -0.61 -5.66 -24.54
N ALA A 125 -1.48 -4.66 -24.43
CA ALA A 125 -1.98 -4.24 -23.13
C ALA A 125 -2.81 -5.29 -22.44
N LEU A 126 -3.65 -6.03 -23.18
CA LEU A 126 -4.45 -7.11 -22.57
C LEU A 126 -3.52 -8.24 -22.11
N GLU A 127 -2.50 -8.55 -22.92
CA GLU A 127 -1.53 -9.58 -22.55
C GLU A 127 -0.88 -9.22 -21.23
N CYS A 128 -0.57 -7.94 -21.04
CA CYS A 128 0.06 -7.47 -19.81
C CYS A 128 -0.87 -7.58 -18.62
N LEU A 129 -2.15 -7.24 -18.79
CA LEU A 129 -3.12 -7.38 -17.70
C LEU A 129 -3.30 -8.84 -17.33
N LYS A 130 -3.30 -9.73 -18.33
CA LYS A 130 -3.42 -11.18 -18.11
C LYS A 130 -2.19 -11.70 -17.33
N MET A 131 -0.98 -11.29 -17.74
CA MET A 131 0.24 -11.71 -17.05
C MET A 131 0.18 -11.23 -15.62
N ALA A 132 -0.36 -10.03 -15.42
CA ALA A 132 -0.52 -9.45 -14.09
C ALA A 132 -1.75 -10.01 -13.33
N GLU A 133 -2.35 -11.09 -13.84
CA GLU A 133 -3.48 -11.76 -13.16
C GLU A 133 -4.74 -10.93 -12.90
N LEU A 134 -4.97 -9.89 -13.70
CA LEU A 134 -6.16 -9.10 -13.53
C LEU A 134 -7.14 -9.56 -14.59
N GLU A 135 -8.33 -9.92 -14.14
CA GLU A 135 -9.41 -10.40 -15.01
C GLU A 135 -9.76 -9.40 -16.09
N GLU A 136 -10.00 -9.93 -17.28
CA GLU A 136 -10.36 -9.12 -18.42
C GLU A 136 -11.52 -8.14 -18.17
N ARG A 137 -12.45 -8.53 -17.30
CA ARG A 137 -13.61 -7.71 -17.01
C ARG A 137 -13.29 -6.42 -16.27
N PHE A 138 -12.08 -6.32 -15.76
CA PHE A 138 -11.70 -5.11 -15.03
C PHE A 138 -10.98 -4.10 -15.89
N ALA A 139 -10.62 -4.49 -17.11
CA ALA A 139 -9.89 -3.62 -18.04
C ALA A 139 -10.52 -2.25 -18.30
N ASN A 140 -11.84 -2.13 -18.20
CA ASN A 140 -12.51 -0.83 -18.45
C ASN A 140 -12.82 0.00 -17.23
N HIS A 141 -12.40 -0.48 -16.07
CA HIS A 141 -12.59 0.23 -14.82
C HIS A 141 -11.50 1.29 -14.68
N LYS A 142 -11.86 2.43 -14.11
CA LYS A 142 -10.89 3.48 -13.86
C LYS A 142 -10.28 3.13 -12.52
N PRO A 143 -9.10 3.68 -12.20
CA PRO A 143 -8.43 3.38 -10.93
C PRO A 143 -9.36 3.46 -9.71
N ASN A 144 -10.20 4.49 -9.67
CA ASN A 144 -11.13 4.65 -8.56
C ASN A 144 -12.28 3.64 -8.53
N GLN A 145 -12.39 2.79 -9.53
CA GLN A 145 -13.43 1.77 -9.56
C GLN A 145 -12.79 0.40 -9.32
N LEU A 146 -11.55 0.40 -8.84
CA LEU A 146 -10.82 -0.83 -8.58
C LEU A 146 -10.37 -0.92 -7.13
N SER A 147 -10.24 -2.14 -6.63
CA SER A 147 -9.78 -2.37 -5.26
C SER A 147 -8.25 -2.13 -5.21
N GLY A 148 -7.68 -2.04 -4.00
CA GLY A 148 -6.25 -1.83 -3.88
C GLY A 148 -5.39 -2.85 -4.62
N GLY A 149 -5.75 -4.13 -4.49
CA GLY A 149 -5.02 -5.19 -5.16
C GLY A 149 -5.22 -5.19 -6.67
N GLN A 150 -6.40 -4.78 -7.11
CA GLN A 150 -6.66 -4.72 -8.55
C GLN A 150 -5.82 -3.59 -9.11
N GLN A 151 -5.73 -2.51 -8.36
CA GLN A 151 -4.90 -1.39 -8.80
C GLN A 151 -3.41 -1.79 -8.86
N GLN A 152 -2.99 -2.60 -7.89
CA GLN A 152 -1.60 -3.04 -7.89
C GLN A 152 -1.31 -3.88 -9.13
N ARG A 153 -2.28 -4.68 -9.55
CA ARG A 153 -2.09 -5.48 -10.73
C ARG A 153 -2.03 -4.62 -11.99
N VAL A 154 -2.75 -3.50 -11.99
CA VAL A 154 -2.69 -2.62 -13.16
C VAL A 154 -1.29 -1.98 -13.19
N ALA A 155 -0.77 -1.66 -12.01
CA ALA A 155 0.54 -1.06 -11.90
C ALA A 155 1.60 -2.02 -12.43
N ILE A 156 1.44 -3.31 -12.09
CA ILE A 156 2.37 -4.35 -12.55
C ILE A 156 2.28 -4.53 -14.07
N ALA A 157 1.06 -4.59 -14.60
CA ALA A 157 0.85 -4.74 -16.03
C ALA A 157 1.51 -3.57 -16.78
N ARG A 158 1.36 -2.36 -16.25
CA ARG A 158 1.95 -1.17 -16.88
C ARG A 158 3.47 -1.28 -16.93
N ALA A 159 4.08 -1.84 -15.89
CA ALA A 159 5.53 -1.99 -15.87
C ALA A 159 6.00 -2.95 -16.98
N LEU A 160 5.17 -3.94 -17.33
CA LEU A 160 5.46 -4.96 -18.35
C LEU A 160 5.27 -4.49 -19.79
N ALA A 161 4.40 -3.50 -19.97
CA ALA A 161 4.04 -2.98 -21.28
C ALA A 161 5.11 -2.86 -22.37
N ASN A 162 6.19 -2.12 -22.13
CA ASN A 162 7.22 -1.97 -23.17
C ASN A 162 8.24 -3.08 -23.20
N ASN A 163 7.90 -4.20 -22.56
CA ASN A 163 8.81 -5.34 -22.51
C ASN A 163 10.24 -4.91 -22.22
N PRO A 164 10.44 -4.14 -21.12
CA PRO A 164 11.77 -3.66 -20.75
C PRO A 164 12.67 -4.77 -20.24
N PRO A 165 13.99 -4.62 -20.42
CA PRO A 165 14.94 -5.63 -19.96
C PRO A 165 15.09 -5.64 -18.42
N ILE A 166 14.81 -4.51 -17.80
CA ILE A 166 14.91 -4.39 -16.35
C ILE A 166 13.55 -4.11 -15.70
N ILE A 167 13.23 -4.85 -14.67
CA ILE A 167 11.97 -4.67 -13.94
C ILE A 167 12.29 -4.33 -12.50
N LEU A 168 11.82 -3.16 -12.07
CA LEU A 168 12.00 -2.67 -10.70
C LEU A 168 10.63 -2.65 -10.04
N ALA A 169 10.43 -3.50 -9.04
CA ALA A 169 9.14 -3.61 -8.37
C ALA A 169 9.20 -3.18 -6.91
N ASP A 170 8.47 -2.13 -6.57
CA ASP A 170 8.44 -1.64 -5.21
C ASP A 170 7.26 -2.24 -4.47
N GLN A 171 7.54 -3.30 -3.71
CA GLN A 171 6.55 -4.03 -2.92
C GLN A 171 5.32 -4.38 -3.77
N PRO A 172 5.57 -5.13 -4.86
CA PRO A 172 4.56 -5.57 -5.82
C PRO A 172 3.44 -6.47 -5.33
N THR A 173 3.58 -7.02 -4.13
CA THR A 173 2.54 -7.90 -3.59
C THR A 173 1.89 -7.33 -2.33
N GLY A 174 2.28 -6.11 -1.96
CA GLY A 174 1.77 -5.49 -0.75
C GLY A 174 0.26 -5.41 -0.57
N ALA A 175 -0.48 -5.33 -1.68
CA ALA A 175 -1.94 -5.22 -1.63
C ALA A 175 -2.63 -6.47 -2.14
N LEU A 176 -1.87 -7.54 -2.26
CA LEU A 176 -2.40 -8.80 -2.78
C LEU A 176 -2.47 -9.93 -1.73
N ASP A 177 -3.46 -10.81 -1.88
CA ASP A 177 -3.58 -11.96 -0.99
C ASP A 177 -2.40 -12.84 -1.39
N SER A 178 -1.98 -13.78 -0.54
CA SER A 178 -0.82 -14.60 -0.85
C SER A 178 -0.91 -15.44 -2.10
N LYS A 179 -2.12 -15.90 -2.42
CA LYS A 179 -2.34 -16.70 -3.61
C LYS A 179 -2.05 -15.89 -4.89
N THR A 180 -2.62 -14.68 -4.99
CA THR A 180 -2.40 -13.83 -6.16
C THR A 180 -0.93 -13.37 -6.20
N GLY A 181 -0.39 -13.00 -5.04
CA GLY A 181 1.01 -12.57 -4.96
C GLY A 181 1.95 -13.65 -5.47
N GLU A 182 1.68 -14.89 -5.10
CA GLU A 182 2.48 -16.03 -5.53
C GLU A 182 2.50 -16.12 -7.07
N LYS A 183 1.35 -15.91 -7.73
CA LYS A 183 1.31 -15.95 -9.18
C LYS A 183 2.18 -14.81 -9.76
N ILE A 184 2.14 -13.65 -9.12
CA ILE A 184 2.94 -12.52 -9.59
C ILE A 184 4.42 -12.86 -9.49
N MET A 185 4.80 -13.52 -8.40
CA MET A 185 6.18 -13.90 -8.19
C MET A 185 6.60 -14.99 -9.18
N GLN A 186 5.65 -15.85 -9.56
CA GLN A 186 5.91 -16.89 -10.55
C GLN A 186 6.09 -16.24 -11.91
N LEU A 187 5.40 -15.13 -12.16
CA LEU A 187 5.55 -14.40 -13.42
C LEU A 187 6.96 -13.78 -13.48
N LEU A 188 7.39 -13.14 -12.40
CA LEU A 188 8.71 -12.52 -12.34
C LEU A 188 9.80 -13.58 -12.51
N LYS A 189 9.58 -14.75 -11.92
CA LYS A 189 10.55 -15.83 -12.04
C LYS A 189 10.63 -16.28 -13.50
N LYS A 190 9.47 -16.38 -14.15
CA LYS A 190 9.38 -16.77 -15.55
C LYS A 190 10.12 -15.78 -16.44
N LEU A 191 9.80 -14.49 -16.32
CA LEU A 191 10.45 -13.44 -17.14
C LEU A 191 11.95 -13.36 -16.90
N ASN A 192 12.36 -13.58 -15.65
CA ASN A 192 13.77 -13.57 -15.29
C ASN A 192 14.52 -14.76 -15.95
N GLU A 193 14.05 -15.98 -15.67
CA GLU A 193 14.67 -17.20 -16.19
C GLU A 193 14.48 -17.46 -17.69
N GLU A 194 13.26 -17.37 -18.18
CA GLU A 194 13.03 -17.61 -19.59
C GLU A 194 13.44 -16.43 -20.46
N ASP A 195 13.13 -15.22 -20.02
CA ASP A 195 13.42 -14.05 -20.83
C ASP A 195 14.67 -13.26 -20.52
N GLY A 196 15.43 -13.70 -19.51
CA GLY A 196 16.67 -13.03 -19.17
C GLY A 196 16.54 -11.62 -18.61
N LYS A 197 15.38 -11.30 -18.06
CA LYS A 197 15.16 -9.97 -17.50
C LYS A 197 15.87 -9.85 -16.18
N THR A 198 16.34 -8.63 -15.91
CA THR A 198 17.03 -8.29 -14.66
C THR A 198 15.88 -7.80 -13.78
N VAL A 199 15.67 -8.47 -12.64
CA VAL A 199 14.56 -8.15 -11.76
C VAL A 199 15.02 -7.74 -10.38
N VAL A 200 14.54 -6.59 -9.89
CA VAL A 200 14.90 -6.09 -8.56
C VAL A 200 13.60 -5.79 -7.82
N VAL A 201 13.35 -6.51 -6.73
CA VAL A 201 12.12 -6.37 -5.95
C VAL A 201 12.37 -5.89 -4.52
N VAL A 202 11.72 -4.79 -4.12
CA VAL A 202 11.83 -4.27 -2.75
C VAL A 202 10.62 -4.90 -2.08
N THR A 203 10.80 -5.51 -0.91
CA THR A 203 9.66 -6.14 -0.26
C THR A 203 9.85 -6.26 1.24
N HIS A 204 8.74 -6.32 1.95
CA HIS A 204 8.77 -6.51 3.39
C HIS A 204 8.33 -7.94 3.68
N ASP A 205 8.04 -8.69 2.62
CA ASP A 205 7.59 -10.07 2.74
C ASP A 205 8.75 -11.03 2.43
N ILE A 206 9.20 -11.78 3.44
CA ILE A 206 10.30 -12.74 3.26
C ILE A 206 10.02 -13.78 2.18
N ASN A 207 8.76 -14.21 2.07
CA ASN A 207 8.38 -15.22 1.07
C ASN A 207 8.57 -14.66 -0.32
N VAL A 208 8.35 -13.36 -0.46
CA VAL A 208 8.53 -12.71 -1.75
C VAL A 208 10.03 -12.62 -2.04
N ALA A 209 10.77 -12.16 -1.04
CA ALA A 209 12.22 -11.99 -1.15
C ALA A 209 12.93 -13.26 -1.54
N ARG A 210 12.47 -14.37 -0.98
CA ARG A 210 13.08 -15.65 -1.29
C ARG A 210 13.07 -16.07 -2.75
N PHE A 211 12.35 -15.34 -3.61
CA PHE A 211 12.35 -15.64 -5.05
C PHE A 211 13.63 -15.12 -5.70
N GLY A 212 14.36 -14.23 -5.02
CA GLY A 212 15.60 -13.69 -5.56
C GLY A 212 16.77 -14.65 -5.41
N GLU A 213 17.89 -14.34 -6.05
CA GLU A 213 19.09 -15.16 -5.97
C GLU A 213 19.79 -14.76 -4.69
N ARG A 214 19.61 -13.51 -4.31
CA ARG A 214 20.21 -12.99 -3.11
C ARG A 214 19.27 -11.90 -2.60
N ILE A 215 19.46 -11.56 -1.34
CA ILE A 215 18.67 -10.55 -0.68
C ILE A 215 19.63 -9.54 -0.06
N ILE A 216 19.46 -8.28 -0.43
CA ILE A 216 20.26 -7.18 0.08
C ILE A 216 19.45 -6.50 1.18
N TYR A 217 20.05 -6.37 2.36
CA TYR A 217 19.40 -5.78 3.50
C TYR A 217 19.97 -4.40 3.78
N LEU A 218 19.08 -3.41 3.89
CA LEU A 218 19.47 -2.04 4.18
C LEU A 218 19.19 -1.74 5.64
N LYS A 219 19.92 -0.79 6.19
CA LYS A 219 19.70 -0.40 7.56
C LYS A 219 20.25 1.00 7.66
N ASP A 220 19.37 1.94 8.02
CA ASP A 220 19.76 3.34 8.17
C ASP A 220 20.52 3.91 6.98
N GLY A 221 20.00 3.67 5.79
CA GLY A 221 20.61 4.19 4.59
C GLY A 221 21.83 3.46 4.08
N GLU A 222 22.19 2.35 4.72
CA GLU A 222 23.36 1.63 4.28
C GLU A 222 23.10 0.16 4.02
N VAL A 223 23.87 -0.43 3.13
CA VAL A 223 23.76 -1.86 2.85
C VAL A 223 24.33 -2.56 4.09
N GLU A 224 23.47 -3.11 4.94
CA GLU A 224 23.92 -3.79 6.15
C GLU A 224 24.59 -5.13 5.83
N ARG A 225 23.95 -5.92 4.97
CA ARG A 225 24.50 -7.22 4.61
C ARG A 225 23.75 -7.78 3.42
N GLU A 226 24.25 -8.90 2.91
CA GLU A 226 23.68 -9.54 1.77
C GLU A 226 23.59 -11.01 2.13
N GLU A 227 22.58 -11.67 1.59
CA GLU A 227 22.38 -13.07 1.87
C GLU A 227 22.06 -13.82 0.59
N LYS A 228 22.98 -14.68 0.16
CA LYS A 228 22.76 -15.45 -1.07
C LYS A 228 21.85 -16.59 -0.70
N LEU A 229 20.94 -16.88 -1.60
CA LEU A 229 19.94 -17.92 -1.37
C LEU A 229 20.14 -19.26 -2.08
N ARG A 230 20.37 -19.21 -3.39
CA ARG A 230 20.54 -20.41 -4.20
C ARG A 230 21.98 -20.90 -4.22
N MET B 1 -21.91 -4.16 18.93
CA MET B 1 -21.25 -2.85 18.66
C MET B 1 -21.32 -2.50 17.16
N ILE B 2 -21.13 -3.50 16.29
CA ILE B 2 -21.22 -3.27 14.86
C ILE B 2 -22.12 -4.35 14.30
N LYS B 3 -23.11 -3.98 13.51
CA LYS B 3 -24.00 -4.97 12.91
C LYS B 3 -24.33 -4.63 11.46
N LEU B 4 -24.12 -5.60 10.57
CA LEU B 4 -24.43 -5.44 9.15
C LEU B 4 -25.58 -6.42 8.98
N LYS B 5 -26.73 -5.93 8.53
CA LYS B 5 -27.89 -6.80 8.35
C LYS B 5 -28.28 -6.86 6.88
N ASN B 6 -28.04 -8.02 6.28
CA ASN B 6 -28.33 -8.28 4.88
C ASN B 6 -27.82 -7.18 3.93
N VAL B 7 -26.56 -6.83 4.09
CA VAL B 7 -25.94 -5.77 3.33
C VAL B 7 -25.47 -6.11 1.92
N THR B 8 -25.93 -5.33 0.95
CA THR B 8 -25.51 -5.50 -0.42
C THR B 8 -24.97 -4.18 -0.91
N LYS B 9 -23.90 -4.22 -1.68
CA LYS B 9 -23.33 -3.02 -2.23
C LYS B 9 -23.11 -3.36 -3.68
N THR B 10 -23.81 -2.66 -4.56
CA THR B 10 -23.67 -2.89 -5.98
C THR B 10 -23.16 -1.64 -6.70
N TYR B 11 -22.65 -1.86 -7.90
CA TYR B 11 -22.17 -0.79 -8.76
C TYR B 11 -22.71 -1.09 -10.15
N LYS B 12 -23.08 -0.06 -10.89
CA LYS B 12 -23.59 -0.24 -12.23
C LYS B 12 -22.50 0.12 -13.21
N MET B 13 -21.93 -0.86 -13.87
CA MET B 13 -20.88 -0.65 -14.86
C MET B 13 -21.47 -0.83 -16.26
N GLY B 14 -21.86 0.26 -16.89
CA GLY B 14 -22.45 0.16 -18.20
C GLY B 14 -23.87 -0.34 -18.01
N GLU B 15 -24.13 -1.55 -18.49
CA GLU B 15 -25.45 -2.14 -18.38
C GLU B 15 -25.40 -3.32 -17.39
N GLU B 16 -24.21 -3.57 -16.84
CA GLU B 16 -24.03 -4.67 -15.91
C GLU B 16 -23.99 -4.25 -14.45
N ILE B 17 -24.76 -4.93 -13.61
CA ILE B 17 -24.77 -4.65 -12.18
C ILE B 17 -23.82 -5.60 -11.43
N ILE B 18 -22.80 -5.00 -10.82
CA ILE B 18 -21.73 -5.64 -10.07
C ILE B 18 -22.02 -5.67 -8.57
N TYR B 19 -21.74 -6.79 -7.91
CA TYR B 19 -21.94 -6.90 -6.47
C TYR B 19 -20.61 -6.82 -5.70
N ALA B 20 -20.34 -5.73 -5.01
CA ALA B 20 -19.11 -5.61 -4.22
C ALA B 20 -19.29 -6.46 -2.95
N LEU B 21 -20.53 -6.42 -2.44
CA LEU B 21 -20.95 -7.20 -1.27
C LEU B 21 -22.34 -7.68 -1.62
N LYS B 22 -22.66 -8.91 -1.26
CA LYS B 22 -23.96 -9.47 -1.57
C LYS B 22 -24.57 -10.19 -0.38
N ASN B 23 -25.60 -9.58 0.21
CA ASN B 23 -26.34 -10.12 1.36
C ASN B 23 -25.45 -10.57 2.52
N VAL B 24 -24.55 -9.71 2.97
CA VAL B 24 -23.64 -10.08 4.04
C VAL B 24 -24.27 -9.75 5.38
N ASN B 25 -24.04 -10.64 6.35
CA ASN B 25 -24.54 -10.46 7.71
C ASN B 25 -23.35 -10.55 8.63
N LEU B 26 -23.29 -9.64 9.60
CA LEU B 26 -22.14 -9.59 10.48
C LEU B 26 -22.53 -8.92 11.77
N ASN B 27 -22.08 -9.46 12.90
CA ASN B 27 -22.32 -8.83 14.18
C ASN B 27 -21.01 -8.89 14.92
N ILE B 28 -20.50 -7.73 15.30
CA ILE B 28 -19.26 -7.66 16.06
C ILE B 28 -19.61 -7.06 17.42
N LYS B 29 -19.26 -7.79 18.48
CA LYS B 29 -19.53 -7.38 19.84
C LYS B 29 -18.56 -6.32 20.32
N GLU B 30 -18.99 -5.55 21.32
CA GLU B 30 -18.14 -4.52 21.89
C GLU B 30 -16.90 -5.18 22.51
N GLY B 31 -15.72 -4.63 22.20
CA GLY B 31 -14.48 -5.15 22.75
C GLY B 31 -13.92 -6.34 22.01
N GLU B 32 -14.55 -6.70 20.91
CA GLU B 32 -14.10 -7.82 20.10
C GLU B 32 -12.98 -7.40 19.13
N PHE B 33 -12.05 -8.30 18.87
CA PHE B 33 -10.93 -8.08 17.96
C PHE B 33 -11.22 -9.02 16.80
N VAL B 34 -11.65 -8.49 15.66
CA VAL B 34 -11.97 -9.31 14.52
C VAL B 34 -11.09 -9.00 13.32
N SER B 35 -10.66 -10.04 12.60
CA SER B 35 -9.81 -9.88 11.42
C SER B 35 -10.64 -10.24 10.19
N ILE B 36 -10.36 -9.59 9.06
CA ILE B 36 -11.08 -9.87 7.82
C ILE B 36 -10.06 -10.15 6.72
N MET B 37 -10.20 -11.33 6.10
CA MET B 37 -9.33 -11.75 5.01
C MET B 37 -10.15 -12.17 3.82
N GLY B 38 -9.49 -12.38 2.70
CA GLY B 38 -10.18 -12.79 1.50
C GLY B 38 -9.39 -12.36 0.29
N PRO B 39 -9.64 -12.99 -0.86
CA PRO B 39 -8.93 -12.65 -2.10
C PRO B 39 -9.02 -11.18 -2.50
N SER B 40 -8.03 -10.73 -3.24
CA SER B 40 -8.03 -9.37 -3.74
C SER B 40 -9.36 -9.22 -4.50
N GLY B 41 -10.12 -8.17 -4.21
CA GLY B 41 -11.39 -7.96 -4.86
C GLY B 41 -12.59 -8.63 -4.22
N SER B 42 -12.40 -9.37 -3.12
CA SER B 42 -13.51 -10.09 -2.45
C SER B 42 -14.54 -9.22 -1.73
N GLY B 43 -14.21 -7.94 -1.50
CA GLY B 43 -15.13 -7.04 -0.82
C GLY B 43 -14.76 -6.55 0.57
N LYS B 44 -13.53 -6.80 1.01
CA LYS B 44 -13.07 -6.38 2.33
C LYS B 44 -13.16 -4.88 2.64
N SER B 45 -12.59 -4.03 1.77
CA SER B 45 -12.63 -2.57 1.98
C SER B 45 -14.07 -2.03 1.87
N THR B 46 -14.86 -2.58 0.97
CA THR B 46 -16.24 -2.12 0.84
C THR B 46 -16.92 -2.35 2.20
N MET B 47 -16.65 -3.52 2.78
CA MET B 47 -17.24 -3.87 4.07
C MET B 47 -16.75 -2.94 5.16
N LEU B 48 -15.45 -2.71 5.21
CA LEU B 48 -14.88 -1.82 6.22
C LEU B 48 -15.39 -0.39 6.06
N ASN B 49 -15.57 0.06 4.81
CA ASN B 49 -16.04 1.40 4.52
C ASN B 49 -17.46 1.58 4.99
N ILE B 50 -18.26 0.54 4.79
CA ILE B 50 -19.66 0.58 5.19
C ILE B 50 -19.70 0.60 6.72
N ILE B 51 -18.94 -0.26 7.36
CA ILE B 51 -18.90 -0.28 8.81
C ILE B 51 -18.42 1.09 9.30
N GLY B 52 -17.44 1.67 8.61
CA GLY B 52 -16.91 2.97 8.98
C GLY B 52 -17.73 4.20 8.61
N CYS B 53 -18.91 3.99 8.05
CA CYS B 53 -19.78 5.11 7.66
C CYS B 53 -19.14 6.04 6.61
N LEU B 54 -18.29 5.45 5.78
CA LEU B 54 -17.66 6.21 4.72
C LEU B 54 -18.41 5.89 3.43
N ASP B 55 -19.27 4.89 3.48
CA ASP B 55 -20.02 4.50 2.30
C ASP B 55 -21.31 3.90 2.81
N LYS B 56 -22.36 3.98 2.01
CA LYS B 56 -23.67 3.44 2.40
C LYS B 56 -23.96 2.18 1.61
N PRO B 57 -24.67 1.22 2.22
CA PRO B 57 -24.99 0.00 1.48
C PRO B 57 -26.09 0.30 0.44
N THR B 58 -26.18 -0.51 -0.62
CA THR B 58 -27.21 -0.33 -1.63
C THR B 58 -28.51 -0.87 -1.03
N GLU B 59 -28.39 -1.86 -0.14
CA GLU B 59 -29.52 -2.49 0.49
C GLU B 59 -29.00 -3.07 1.81
N GLY B 60 -29.90 -3.28 2.76
CA GLY B 60 -29.50 -3.81 4.05
C GLY B 60 -29.40 -2.70 5.08
N GLU B 61 -29.10 -3.06 6.34
CA GLU B 61 -29.00 -2.10 7.42
C GLU B 61 -27.66 -2.16 8.16
N VAL B 62 -27.23 -1.01 8.69
CA VAL B 62 -25.98 -0.90 9.43
C VAL B 62 -26.27 -0.27 10.80
N TYR B 63 -25.71 -0.83 11.86
CA TYR B 63 -25.87 -0.31 13.22
C TYR B 63 -24.51 -0.19 13.85
N ILE B 64 -24.20 0.98 14.40
CA ILE B 64 -22.91 1.21 15.06
C ILE B 64 -23.30 1.66 16.46
N ASP B 65 -22.94 0.86 17.45
CA ASP B 65 -23.26 1.16 18.85
C ASP B 65 -24.81 1.23 19.00
N ASN B 66 -25.50 0.39 18.24
CA ASN B 66 -26.97 0.29 18.24
C ASN B 66 -27.74 1.31 17.41
N ILE B 67 -27.03 2.28 16.86
CA ILE B 67 -27.68 3.30 16.05
C ILE B 67 -27.68 2.87 14.59
N LYS B 68 -28.85 2.93 13.97
CA LYS B 68 -29.04 2.61 12.55
C LYS B 68 -28.46 3.78 11.81
N THR B 69 -27.36 3.55 11.10
CA THR B 69 -26.68 4.58 10.37
C THR B 69 -27.04 4.71 8.88
N ASN B 70 -27.42 3.62 8.24
CA ASN B 70 -27.70 3.61 6.80
C ASN B 70 -28.75 4.57 6.26
N ASP B 71 -29.51 5.25 7.13
CA ASP B 71 -30.51 6.20 6.65
C ASP B 71 -30.22 7.62 7.16
N LEU B 72 -29.03 7.82 7.72
CA LEU B 72 -28.62 9.12 8.23
C LEU B 72 -28.01 9.93 7.07
N ASP B 73 -28.05 11.25 7.18
CA ASP B 73 -27.48 12.05 6.12
C ASP B 73 -25.98 12.29 6.35
N ASP B 74 -25.35 12.97 5.39
CA ASP B 74 -23.91 13.30 5.44
C ASP B 74 -23.47 13.93 6.78
N ASP B 75 -24.15 15.00 7.19
CA ASP B 75 -23.85 15.68 8.43
C ASP B 75 -23.82 14.76 9.62
N GLU B 76 -24.92 14.04 9.78
CA GLU B 76 -25.10 13.10 10.90
C GLU B 76 -24.06 11.99 10.94
N LEU B 77 -23.74 11.39 9.79
CA LEU B 77 -22.75 10.33 9.73
C LEU B 77 -21.38 10.83 10.18
N THR B 78 -21.08 12.10 9.89
CA THR B 78 -19.82 12.74 10.24
C THR B 78 -19.63 12.77 11.75
N LYS B 79 -20.69 13.13 12.47
CA LYS B 79 -20.63 13.18 13.92
C LYS B 79 -20.35 11.79 14.50
N ILE B 80 -20.99 10.78 13.94
CA ILE B 80 -20.78 9.42 14.42
C ILE B 80 -19.34 8.99 14.16
N ARG B 81 -18.89 9.15 12.92
CA ARG B 81 -17.53 8.79 12.56
C ARG B 81 -16.52 9.44 13.48
N ARG B 82 -16.65 10.75 13.67
CA ARG B 82 -15.73 11.51 14.51
C ARG B 82 -15.68 11.06 15.94
N ASP B 83 -16.84 10.74 16.50
CA ASP B 83 -16.90 10.31 17.87
C ASP B 83 -16.50 8.88 18.09
N LYS B 84 -17.07 7.99 17.30
CA LYS B 84 -16.87 6.56 17.50
C LYS B 84 -15.84 5.81 16.69
N ILE B 85 -15.31 6.41 15.64
CA ILE B 85 -14.42 5.66 14.76
C ILE B 85 -13.03 6.18 14.48
N GLY B 86 -12.07 5.27 14.52
CA GLY B 86 -10.69 5.58 14.18
C GLY B 86 -10.42 4.74 12.95
N PHE B 87 -10.27 5.38 11.79
CA PHE B 87 -10.06 4.67 10.53
C PHE B 87 -8.65 4.77 9.96
N VAL B 88 -8.04 3.60 9.71
CA VAL B 88 -6.71 3.53 9.10
C VAL B 88 -6.94 3.12 7.63
N PHE B 89 -6.72 4.08 6.73
CA PHE B 89 -6.92 3.85 5.31
C PHE B 89 -5.79 3.06 4.70
N GLN B 90 -6.10 2.27 3.67
CA GLN B 90 -5.06 1.49 2.98
C GLN B 90 -4.18 2.47 2.17
N GLN B 91 -4.81 3.45 1.56
CA GLN B 91 -4.11 4.46 0.77
C GLN B 91 -3.60 5.63 1.65
N PHE B 92 -3.73 5.50 2.97
CA PHE B 92 -3.29 6.52 3.95
C PHE B 92 -4.12 7.79 3.93
N ASN B 93 -4.20 8.46 2.79
CA ASN B 93 -4.99 9.69 2.68
C ASN B 93 -4.56 10.78 3.65
N LEU B 94 -3.28 11.11 3.59
CA LEU B 94 -2.74 12.17 4.43
C LEU B 94 -2.88 13.47 3.63
N ILE B 95 -3.06 14.59 4.33
CA ILE B 95 -3.19 15.87 3.65
C ILE B 95 -1.74 16.33 3.38
N PRO B 96 -1.39 16.51 2.10
CA PRO B 96 -0.08 16.91 1.57
C PRO B 96 0.63 18.11 2.18
N LEU B 97 -0.13 19.17 2.44
CA LEU B 97 0.48 20.39 2.98
C LEU B 97 0.63 20.48 4.49
N LEU B 98 0.10 19.48 5.20
CA LEU B 98 0.19 19.44 6.66
C LEU B 98 1.31 18.49 7.04
N THR B 99 2.02 18.77 8.13
CA THR B 99 3.09 17.88 8.54
C THR B 99 2.48 16.61 9.14
N ALA B 100 3.32 15.64 9.47
CA ALA B 100 2.86 14.40 10.07
C ALA B 100 2.07 14.73 11.36
N LEU B 101 2.64 15.57 12.21
CA LEU B 101 2.01 15.96 13.46
C LEU B 101 0.66 16.67 13.20
N GLU B 102 0.63 17.61 12.26
CA GLU B 102 -0.60 18.34 11.95
C GLU B 102 -1.70 17.42 11.40
N ASN B 103 -1.27 16.42 10.63
CA ASN B 103 -2.19 15.43 10.09
C ASN B 103 -2.86 14.65 11.22
N VAL B 104 -2.10 14.36 12.28
CA VAL B 104 -2.66 13.65 13.43
C VAL B 104 -3.55 14.58 14.26
N GLU B 105 -3.16 15.85 14.38
CA GLU B 105 -3.94 16.79 15.15
C GLU B 105 -5.35 17.06 14.59
N LEU B 106 -5.56 16.76 13.32
CA LEU B 106 -6.83 17.03 12.66
C LEU B 106 -8.08 16.39 13.29
N PRO B 107 -8.15 15.05 13.37
CA PRO B 107 -9.34 14.41 13.96
C PRO B 107 -9.50 14.66 15.48
N LEU B 108 -8.41 15.06 16.11
CA LEU B 108 -8.40 15.38 17.54
C LEU B 108 -9.22 16.66 17.72
N ILE B 109 -8.91 17.63 16.88
CA ILE B 109 -9.58 18.93 16.90
C ILE B 109 -11.01 18.91 16.36
N PHE B 110 -11.27 18.07 15.35
CA PHE B 110 -12.61 17.95 14.81
C PHE B 110 -13.54 17.35 15.87
N LYS B 111 -13.11 16.31 16.58
CA LYS B 111 -13.96 15.71 17.61
C LYS B 111 -14.08 16.59 18.84
N TYR B 112 -12.95 17.00 19.40
CA TYR B 112 -12.94 17.82 20.60
C TYR B 112 -13.85 19.04 20.54
N ARG B 113 -14.82 19.10 21.44
CA ARG B 113 -15.81 20.20 21.49
C ARG B 113 -15.28 21.60 21.81
N GLY B 114 -14.44 21.70 22.83
CA GLY B 114 -13.93 23.01 23.20
C GLY B 114 -12.77 23.53 22.38
N ALA B 115 -12.03 24.45 22.98
CA ALA B 115 -10.86 25.06 22.35
C ALA B 115 -9.62 24.44 22.98
N MET B 116 -8.93 23.59 22.23
CA MET B 116 -7.74 22.95 22.76
C MET B 116 -6.49 23.79 22.55
N SER B 117 -5.70 23.97 23.60
CA SER B 117 -4.48 24.75 23.53
C SER B 117 -3.50 24.02 22.62
N GLY B 118 -2.59 24.79 22.01
CA GLY B 118 -1.58 24.21 21.13
C GLY B 118 -0.70 23.21 21.85
N GLU B 119 -0.56 23.42 23.15
CA GLU B 119 0.25 22.55 23.99
C GLU B 119 -0.41 21.18 24.20
N GLU B 120 -1.72 21.14 24.42
CA GLU B 120 -2.36 19.84 24.59
C GLU B 120 -2.45 19.11 23.25
N ARG B 121 -2.50 19.89 22.18
CA ARG B 121 -2.59 19.35 20.83
C ARG B 121 -1.32 18.63 20.45
N ARG B 122 -0.21 19.34 20.54
CA ARG B 122 1.10 18.81 20.21
C ARG B 122 1.36 17.59 21.07
N LYS B 123 1.13 17.72 22.37
CA LYS B 123 1.33 16.62 23.32
C LYS B 123 0.54 15.36 22.94
N ARG B 124 -0.78 15.49 22.79
CA ARG B 124 -1.62 14.35 22.44
C ARG B 124 -1.23 13.74 21.10
N ALA B 125 -1.03 14.59 20.08
CA ALA B 125 -0.64 14.11 18.76
C ALA B 125 0.64 13.31 18.88
N LEU B 126 1.58 13.82 19.66
CA LEU B 126 2.85 13.12 19.86
C LEU B 126 2.63 11.76 20.49
N GLU B 127 1.74 11.67 21.48
CA GLU B 127 1.45 10.38 22.11
C GLU B 127 1.00 9.39 21.03
N CYS B 128 0.13 9.84 20.12
CA CYS B 128 -0.38 9.01 19.06
C CYS B 128 0.73 8.56 18.13
N LEU B 129 1.62 9.47 17.75
CA LEU B 129 2.74 9.13 16.88
C LEU B 129 3.67 8.11 17.57
N LYS B 130 3.86 8.26 18.88
CA LYS B 130 4.69 7.34 19.66
C LYS B 130 4.04 5.96 19.72
N MET B 131 2.73 5.91 19.93
CA MET B 131 2.02 4.63 19.98
C MET B 131 2.12 3.97 18.62
N ALA B 132 2.11 4.80 17.57
CA ALA B 132 2.20 4.29 16.21
C ALA B 132 3.66 4.00 15.78
N GLU B 133 4.58 4.00 16.74
CA GLU B 133 5.99 3.70 16.48
C GLU B 133 6.73 4.60 15.51
N LEU B 134 6.28 5.84 15.33
CA LEU B 134 6.98 6.76 14.45
C LEU B 134 7.85 7.69 15.32
N GLU B 135 9.15 7.72 15.00
CA GLU B 135 10.12 8.53 15.72
C GLU B 135 9.73 10.00 15.75
N GLU B 136 9.90 10.66 16.90
CA GLU B 136 9.58 12.09 17.07
C GLU B 136 10.23 12.98 16.02
N ARG B 137 11.40 12.57 15.53
CA ARG B 137 12.08 13.38 14.51
C ARG B 137 11.34 13.45 13.17
N PHE B 138 10.34 12.59 12.97
CA PHE B 138 9.58 12.62 11.72
C PHE B 138 8.30 13.44 11.81
N ALA B 139 7.95 13.87 13.02
CA ALA B 139 6.73 14.65 13.24
C ALA B 139 6.61 15.92 12.39
N ASN B 140 7.76 16.45 11.99
CA ASN B 140 7.83 17.67 11.20
C ASN B 140 7.85 17.51 9.69
N HIS B 141 7.89 16.26 9.22
CA HIS B 141 7.91 15.96 7.79
C HIS B 141 6.49 15.98 7.22
N LYS B 142 6.38 16.39 5.96
CA LYS B 142 5.08 16.37 5.29
C LYS B 142 4.97 14.97 4.70
N PRO B 143 3.76 14.54 4.32
CA PRO B 143 3.61 13.20 3.76
C PRO B 143 4.62 12.88 2.65
N ASN B 144 4.86 13.83 1.76
CA ASN B 144 5.80 13.59 0.65
C ASN B 144 7.27 13.53 1.08
N GLN B 145 7.54 13.80 2.34
CA GLN B 145 8.91 13.72 2.86
C GLN B 145 9.07 12.47 3.73
N LEU B 146 8.10 11.56 3.63
CA LEU B 146 8.12 10.35 4.43
C LEU B 146 8.07 9.12 3.52
N SER B 147 8.60 8.00 4.03
CA SER B 147 8.58 6.72 3.29
C SER B 147 7.17 6.12 3.41
N GLY B 148 6.88 5.10 2.60
CA GLY B 148 5.56 4.48 2.68
C GLY B 148 5.16 3.96 4.05
N GLY B 149 6.11 3.33 4.74
CA GLY B 149 5.87 2.79 6.08
C GLY B 149 5.74 3.90 7.12
N GLN B 150 6.48 5.00 6.93
CA GLN B 150 6.38 6.14 7.86
C GLN B 150 5.00 6.77 7.68
N GLN B 151 4.55 6.86 6.43
CA GLN B 151 3.24 7.40 6.14
C GLN B 151 2.15 6.51 6.75
N GLN B 152 2.35 5.19 6.67
CA GLN B 152 1.37 4.28 7.24
C GLN B 152 1.26 4.52 8.77
N ARG B 153 2.41 4.79 9.41
CA ARG B 153 2.38 5.03 10.85
C ARG B 153 1.67 6.35 11.16
N VAL B 154 1.78 7.34 10.27
CA VAL B 154 1.07 8.59 10.51
C VAL B 154 -0.45 8.31 10.40
N ALA B 155 -0.83 7.47 9.43
CA ALA B 155 -2.24 7.10 9.23
C ALA B 155 -2.78 6.38 10.47
N ILE B 156 -1.98 5.50 11.04
CA ILE B 156 -2.37 4.78 12.25
C ILE B 156 -2.50 5.75 13.44
N ALA B 157 -1.52 6.64 13.62
CA ALA B 157 -1.55 7.64 14.70
C ALA B 157 -2.81 8.50 14.60
N ARG B 158 -3.15 8.92 13.39
CA ARG B 158 -4.35 9.73 13.14
C ARG B 158 -5.62 8.98 13.57
N ALA B 159 -5.68 7.66 13.32
CA ALA B 159 -6.87 6.88 13.72
C ALA B 159 -7.04 6.85 15.25
N LEU B 160 -5.93 6.96 15.97
CA LEU B 160 -5.91 6.93 17.44
C LEU B 160 -6.23 8.28 18.09
N ALA B 161 -6.03 9.36 17.35
CA ALA B 161 -6.19 10.73 17.85
C ALA B 161 -7.42 11.02 18.69
N ASN B 162 -8.59 10.69 18.14
CA ASN B 162 -9.86 10.94 18.83
C ASN B 162 -10.23 9.87 19.91
N ASN B 163 -9.26 9.06 20.32
CA ASN B 163 -9.47 7.96 21.30
C ASN B 163 -10.85 7.34 21.07
N PRO B 164 -11.11 6.89 19.84
CA PRO B 164 -12.40 6.31 19.52
C PRO B 164 -12.56 4.91 20.09
N PRO B 165 -13.82 4.52 20.40
CA PRO B 165 -14.07 3.19 20.94
C PRO B 165 -13.92 2.09 19.88
N ILE B 166 -14.03 2.47 18.61
CA ILE B 166 -13.90 1.51 17.51
C ILE B 166 -12.74 1.88 16.61
N ILE B 167 -11.90 0.90 16.29
CA ILE B 167 -10.76 1.10 15.40
C ILE B 167 -10.89 0.17 14.21
N LEU B 168 -10.95 0.76 13.01
CA LEU B 168 -11.08 0.02 11.76
C LEU B 168 -9.77 0.26 11.02
N ALA B 169 -9.02 -0.82 10.77
CA ALA B 169 -7.74 -0.72 10.10
C ALA B 169 -7.69 -1.50 8.81
N ASP B 170 -7.49 -0.79 7.71
CA ASP B 170 -7.42 -1.45 6.42
C ASP B 170 -5.94 -1.74 6.07
N GLN B 171 -5.54 -2.99 6.27
CA GLN B 171 -4.18 -3.44 5.98
C GLN B 171 -3.15 -2.51 6.60
N PRO B 172 -3.23 -2.32 7.93
CA PRO B 172 -2.35 -1.44 8.71
C PRO B 172 -0.87 -1.75 8.72
N THR B 173 -0.49 -2.94 8.27
CA THR B 173 0.92 -3.31 8.28
C THR B 173 1.45 -3.54 6.87
N GLY B 174 0.62 -3.26 5.87
CA GLY B 174 1.02 -3.48 4.49
C GLY B 174 2.31 -2.85 3.99
N ALA B 175 2.70 -1.73 4.58
CA ALA B 175 3.92 -1.04 4.15
C ALA B 175 4.98 -1.07 5.23
N LEU B 176 4.83 -1.97 6.19
CA LEU B 176 5.76 -2.08 7.32
C LEU B 176 6.54 -3.39 7.34
N ASP B 177 7.79 -3.33 7.81
CA ASP B 177 8.61 -4.54 7.94
C ASP B 177 7.94 -5.31 9.07
N SER B 178 8.16 -6.61 9.15
CA SER B 178 7.51 -7.44 10.17
C SER B 178 7.74 -7.02 11.62
N LYS B 179 8.91 -6.50 11.93
CA LYS B 179 9.17 -6.07 13.29
C LYS B 179 8.31 -4.89 13.68
N THR B 180 8.26 -3.86 12.83
CA THR B 180 7.43 -2.68 13.12
C THR B 180 5.95 -3.09 13.11
N GLY B 181 5.56 -3.93 12.15
CA GLY B 181 4.17 -4.39 12.09
C GLY B 181 3.76 -5.09 13.38
N GLU B 182 4.65 -5.93 13.90
CA GLU B 182 4.41 -6.65 15.13
C GLU B 182 4.12 -5.67 16.29
N LYS B 183 4.89 -4.60 16.39
CA LYS B 183 4.65 -3.61 17.45
C LYS B 183 3.27 -2.99 17.26
N ILE B 184 2.88 -2.75 16.01
CA ILE B 184 1.56 -2.16 15.73
C ILE B 184 0.46 -3.10 16.19
N MET B 185 0.65 -4.38 15.92
CA MET B 185 -0.34 -5.38 16.32
C MET B 185 -0.41 -5.54 17.84
N GLN B 186 0.72 -5.33 18.50
CA GLN B 186 0.77 -5.43 19.97
C GLN B 186 0.01 -4.23 20.52
N LEU B 187 0.13 -3.06 19.85
CA LEU B 187 -0.59 -1.85 20.26
C LEU B 187 -2.11 -2.12 20.19
N LEU B 188 -2.56 -2.67 19.06
CA LEU B 188 -3.98 -2.96 18.88
C LEU B 188 -4.45 -3.96 19.92
N LYS B 189 -3.60 -4.93 20.27
CA LYS B 189 -3.96 -5.92 21.27
C LYS B 189 -4.14 -5.23 22.63
N LYS B 190 -3.20 -4.36 23.00
CA LYS B 190 -3.25 -3.62 24.25
C LYS B 190 -4.52 -2.75 24.31
N LEU B 191 -4.80 -1.95 23.26
CA LEU B 191 -6.00 -1.09 23.24
C LEU B 191 -7.28 -1.92 23.34
N ASN B 192 -7.28 -3.07 22.70
CA ASN B 192 -8.42 -3.97 22.71
C ASN B 192 -8.62 -4.56 24.12
N GLU B 193 -7.60 -5.21 24.64
CA GLU B 193 -7.67 -5.85 25.94
C GLU B 193 -7.70 -4.92 27.14
N GLU B 194 -6.76 -3.98 27.22
CA GLU B 194 -6.73 -3.05 28.35
C GLU B 194 -7.82 -1.98 28.27
N ASP B 195 -8.03 -1.43 27.08
CA ASP B 195 -9.00 -0.36 26.91
C ASP B 195 -10.38 -0.71 26.40
N GLY B 196 -10.62 -1.99 26.14
CA GLY B 196 -11.92 -2.43 25.67
C GLY B 196 -12.36 -1.93 24.30
N LYS B 197 -11.42 -1.52 23.47
CA LYS B 197 -11.74 -1.04 22.13
C LYS B 197 -12.15 -2.19 21.24
N THR B 198 -13.07 -1.91 20.34
CA THR B 198 -13.55 -2.87 19.36
C THR B 198 -12.62 -2.64 18.18
N VAL B 199 -11.90 -3.68 17.76
CA VAL B 199 -10.93 -3.57 16.70
C VAL B 199 -11.25 -4.47 15.52
N VAL B 200 -11.28 -3.92 14.31
CA VAL B 200 -11.55 -4.69 13.09
C VAL B 200 -10.41 -4.42 12.10
N VAL B 201 -9.68 -5.46 11.75
CA VAL B 201 -8.52 -5.32 10.85
C VAL B 201 -8.68 -6.13 9.56
N VAL B 202 -8.57 -5.44 8.42
CA VAL B 202 -8.62 -6.12 7.13
C VAL B 202 -7.15 -6.38 6.83
N THR B 203 -6.79 -7.61 6.46
CA THR B 203 -5.40 -7.90 6.17
C THR B 203 -5.21 -9.08 5.22
N HIS B 204 -4.07 -9.07 4.52
CA HIS B 204 -3.70 -10.15 3.61
C HIS B 204 -2.59 -10.97 4.26
N ASP B 205 -2.21 -10.57 5.49
CA ASP B 205 -1.14 -11.21 6.27
C ASP B 205 -1.76 -12.09 7.34
N ILE B 206 -1.59 -13.40 7.24
CA ILE B 206 -2.14 -14.35 8.23
C ILE B 206 -1.62 -14.08 9.66
N ASN B 207 -0.36 -13.65 9.77
CA ASN B 207 0.25 -13.37 11.05
C ASN B 207 -0.45 -12.21 11.72
N VAL B 208 -0.91 -11.27 10.92
CA VAL B 208 -1.63 -10.11 11.44
C VAL B 208 -3.02 -10.56 11.87
N ALA B 209 -3.67 -11.35 11.03
CA ALA B 209 -5.03 -11.83 11.28
C ALA B 209 -5.11 -12.62 12.57
N ARG B 210 -4.05 -13.37 12.90
CA ARG B 210 -4.01 -14.18 14.12
C ARG B 210 -4.07 -13.43 15.44
N PHE B 211 -3.99 -12.10 15.38
CA PHE B 211 -4.11 -11.26 16.58
C PHE B 211 -5.63 -11.10 16.89
N GLY B 212 -6.47 -11.54 15.96
CA GLY B 212 -7.91 -11.43 16.18
C GLY B 212 -8.45 -12.65 16.89
N GLU B 213 -9.65 -12.51 17.47
CA GLU B 213 -10.29 -13.64 18.16
C GLU B 213 -11.23 -14.36 17.21
N ARG B 214 -11.35 -13.79 16.00
CA ARG B 214 -12.19 -14.33 14.94
C ARG B 214 -11.63 -13.85 13.61
N ILE B 215 -11.59 -14.73 12.61
CA ILE B 215 -11.17 -14.34 11.27
C ILE B 215 -12.33 -14.63 10.34
N ILE B 216 -12.81 -13.58 9.68
CA ILE B 216 -13.92 -13.68 8.74
C ILE B 216 -13.32 -13.67 7.33
N TYR B 217 -13.66 -14.67 6.54
CA TYR B 217 -13.15 -14.80 5.20
C TYR B 217 -14.21 -14.45 4.18
N LEU B 218 -13.88 -13.54 3.27
CA LEU B 218 -14.80 -13.13 2.23
C LEU B 218 -14.42 -13.82 0.93
N LYS B 219 -15.38 -13.98 0.06
CA LYS B 219 -15.12 -14.57 -1.23
C LYS B 219 -16.23 -14.08 -2.13
N ASP B 220 -15.86 -13.36 -3.18
CA ASP B 220 -16.80 -12.85 -4.16
C ASP B 220 -17.97 -12.07 -3.53
N GLY B 221 -17.64 -11.15 -2.64
CA GLY B 221 -18.66 -10.34 -2.01
C GLY B 221 -19.48 -11.01 -0.92
N GLU B 222 -19.13 -12.24 -0.55
CA GLU B 222 -19.89 -12.94 0.48
C GLU B 222 -19.02 -13.48 1.58
N VAL B 223 -19.60 -13.62 2.76
CA VAL B 223 -18.86 -14.18 3.89
C VAL B 223 -18.79 -15.67 3.58
N GLU B 224 -17.61 -16.14 3.19
CA GLU B 224 -17.43 -17.54 2.88
C GLU B 224 -17.43 -18.43 4.14
N ARG B 225 -16.70 -17.99 5.17
CA ARG B 225 -16.62 -18.74 6.42
C ARG B 225 -15.98 -17.86 7.50
N GLU B 226 -15.93 -18.41 8.70
CA GLU B 226 -15.41 -17.71 9.86
C GLU B 226 -14.49 -18.64 10.69
N GLU B 227 -13.53 -18.08 11.40
CA GLU B 227 -12.66 -18.87 12.24
C GLU B 227 -12.66 -18.29 13.63
N LYS B 228 -12.93 -19.13 14.63
CA LYS B 228 -12.94 -18.73 16.04
C LYS B 228 -11.62 -19.16 16.62
N LEU B 229 -10.81 -18.21 17.02
CA LEU B 229 -9.52 -18.58 17.56
C LEU B 229 -9.59 -18.71 19.09
N ARG B 230 -10.82 -18.72 19.61
CA ARG B 230 -11.09 -18.88 21.05
C ARG B 230 -12.32 -19.76 21.22
N GLY B 231 -12.40 -20.43 22.36
CA GLY B 231 -13.51 -21.33 22.63
C GLY B 231 -14.88 -20.72 22.73
N PHE B 232 -15.88 -21.55 22.49
CA PHE B 232 -17.28 -21.13 22.54
C PHE B 232 -18.12 -22.36 22.89
NA NA C . 9.20 2.63 0.45
PG ATP D . 9.39 2.09 3.87
O1G ATP D . 8.67 2.36 2.60
O2G ATP D . 8.89 2.78 5.09
O3G ATP D . 9.47 0.63 4.07
PB ATP D . 11.99 2.61 2.62
O1B ATP D . 13.33 2.34 2.95
O2B ATP D . 11.57 2.58 1.23
O3B ATP D . 10.94 2.44 3.80
PA ATP D . 12.69 5.28 1.67
O1A ATP D . 11.62 6.10 1.18
O2A ATP D . 14.00 5.28 1.03
O3A ATP D . 12.32 4.23 2.81
O5' ATP D . 12.85 6.35 2.61
C5' ATP D . 13.29 6.98 3.57
C4' ATP D . 14.24 7.72 4.37
O4' ATP D . 14.55 8.98 3.71
C3' ATP D . 13.26 7.89 5.46
O3' ATP D . 13.75 7.81 6.76
C2' ATP D . 12.54 9.19 5.06
O2' ATP D . 12.03 9.91 6.17
C1' ATP D . 13.58 9.98 4.21
N9 ATP D . 13.06 10.83 3.11
C8 ATP D . 12.51 10.49 1.88
N7 ATP D . 12.17 11.54 1.17
C5 ATP D . 12.51 12.60 1.99
C6 ATP D . 12.40 14.04 1.82
N6 ATP D . 11.89 14.60 0.73
N1 ATP D . 12.83 14.84 2.85
C2 ATP D . 13.34 14.30 3.97
N3 ATP D . 13.50 13.00 4.24
C4 ATP D . 13.04 12.18 3.17
C1 IPA E . 4.71 -15.14 -2.26
C2 IPA E . 3.35 -14.86 -1.89
C3 IPA E . 3.02 -15.55 -0.64
O2 IPA E . 3.20 -13.42 -1.76
NA NA F . -8.94 -3.10 -0.29
PG ATP G . -8.14 -5.79 -2.36
O1G ATP G . -7.90 -4.51 -1.66
O2G ATP G . -7.75 -5.86 -3.77
O3G ATP G . -7.52 -6.91 -1.58
PB ATP G . -10.83 -5.88 -1.36
O1B ATP G . -11.77 -6.93 -1.17
O2B ATP G . -10.71 -4.84 -0.38
O3B ATP G . -9.65 -6.25 -2.32
PA ATP G . -12.84 -4.00 -2.26
O1A ATP G . -12.37 -2.72 -2.70
O2A ATP G . -14.07 -4.16 -1.52
O3A ATP G . -11.84 -5.22 -2.46
O5' ATP G . -13.30 -4.10 -3.60
C5' ATP G . -13.85 -4.62 -4.62
C4' ATP G . -14.88 -5.20 -5.48
O4' ATP G . -15.86 -4.15 -5.81
C3' ATP G . -13.91 -5.41 -6.61
O3' ATP G . -14.16 -6.51 -7.44
C2' ATP G . -13.92 -4.00 -7.28
O2' ATP G . -13.56 -4.01 -8.65
C1' ATP G . -15.37 -3.45 -7.01
N9 ATP G . -15.48 -2.00 -6.86
C8 ATP G . -15.03 -1.14 -5.85
N7 ATP G . -15.33 0.11 -6.07
C5 ATP G . -16.02 0.07 -7.29
C6 ATP G . -16.64 1.08 -8.12
N6 ATP G . -16.63 2.35 -7.79
N1 ATP G . -17.24 0.70 -9.26
C2 ATP G . -17.26 -0.59 -9.62
N3 ATP G . -16.72 -1.62 -8.95
C4 ATP G . -16.11 -1.20 -7.76
C1 IPA H . 2.58 -9.17 12.69
C2 IPA H . 3.15 -9.07 11.37
C3 IPA H . 3.46 -7.66 11.01
O2 IPA H . 4.32 -9.89 11.36
#